data_2CGL
#
_entry.id   2CGL
#
_cell.length_a   50.781
_cell.length_b   50.966
_cell.length_c   158.102
_cell.angle_alpha   90.00
_cell.angle_beta   90.00
_cell.angle_gamma   90.00
#
_symmetry.space_group_name_H-M   'P 21 21 21'
#
loop_
_entity.id
_entity.type
_entity.pdbx_description
1 polymer RHAMNULOKINASE
2 non-polymer beta-L-fructofuranose
3 non-polymer "ADENOSINE-5'-DIPHOSPHATE"
4 non-polymer 'PHOSPHITE ION'
5 water water
#
_entity_poly.entity_id   1
_entity_poly.type   'polypeptide(L)'
_entity_poly.pdbx_seq_one_letter_code
;(MSE)TFRNCVAVDLGASSGRV(MSE)LARYERECRSLTLREIHRFNNGLHSQNGYVTWDVDSLESAIRLGLNKVCAAGI
AIDSIGIDTWGVDFVLLDQQGQRVGLPVAYRDSRTNGL(MSE)AQAQQQLGKRDIYQRSGIQFLPFNTLYQLRALTEQQP
ELIPHIAHALL(MSE)PDYFSYRLTGK(MSE)NWEYTNATTTQLVNINSDDWDESLLAWSGANKAWFGRPTHPGNVIGHW
ICPQGNEIPVVAVASHDTASAVIASPLNGSRAAYLSSGTWSL(MSE)GFESQTPFTNDTALAANITNEGGAEGRYRVLKN
I(MSE)GLWLLQRVLQERQINDLPALIAATQALPACRFIINPNDDRFINPDE(MSE)CSEIQAACRE(MSE)AQPIPESD
AELARCIFDSLALLYADVLHELAQLRGEDFSQLHIVGGGCQNTLLNQLCADACGIRVIAGPVEASTLGNIGIQL(MSE)T
LDELNNVDDFRQVVSTTANLTTFTPNPDSEIAHYVALIHSTRQTKELCA
;
_entity_poly.pdbx_strand_id   A
#
loop_
_chem_comp.id
_chem_comp.type
_chem_comp.name
_chem_comp.formula
ADP non-polymer ADENOSINE-5'-DIPHOSPHATE 'C10 H15 N5 O10 P2'
LFR L-saccharide, beta linking beta-L-fructofuranose 'C6 H12 O6'
PO3 non-polymer 'PHOSPHITE ION' 'O3 P -3'
#
# COMPACT_ATOMS: atom_id res chain seq x y z
N THR A 2 -18.75 -22.12 -15.99
CA THR A 2 -19.47 -21.41 -14.89
C THR A 2 -18.55 -21.00 -13.72
N PHE A 3 -17.45 -21.74 -13.55
CA PHE A 3 -16.30 -21.17 -12.84
C PHE A 3 -15.87 -19.93 -13.63
N ARG A 4 -15.43 -18.91 -12.90
CA ARG A 4 -14.95 -17.69 -13.55
C ARG A 4 -13.44 -17.65 -13.45
N ASN A 5 -12.80 -17.19 -14.52
CA ASN A 5 -11.33 -17.00 -14.50
C ASN A 5 -11.03 -15.51 -14.53
N CYS A 6 -10.53 -14.97 -13.42
CA CYS A 6 -10.25 -13.54 -13.30
C CYS A 6 -8.75 -13.32 -13.10
N VAL A 7 -8.18 -12.37 -13.82
CA VAL A 7 -6.74 -12.13 -13.74
C VAL A 7 -6.51 -10.84 -12.95
N ALA A 8 -5.73 -10.90 -11.88
CA ALA A 8 -5.38 -9.71 -11.13
C ALA A 8 -3.90 -9.35 -11.37
N VAL A 9 -3.65 -8.08 -11.62
CA VAL A 9 -2.32 -7.51 -11.73
C VAL A 9 -2.11 -6.68 -10.45
N ASP A 10 -1.11 -7.06 -9.67
CA ASP A 10 -0.84 -6.38 -8.40
C ASP A 10 0.60 -5.94 -8.47
N LEU A 11 0.79 -4.63 -8.58
CA LEU A 11 2.15 -4.08 -8.70
C LEU A 11 2.53 -3.44 -7.36
N GLY A 12 3.62 -3.89 -6.74
CA GLY A 12 4.09 -3.32 -5.46
C GLY A 12 5.43 -2.65 -5.72
N ALA A 13 5.95 -1.93 -4.72
CA ALA A 13 7.20 -1.20 -4.91
C ALA A 13 8.42 -2.12 -5.11
N SER A 14 8.33 -3.36 -4.65
CA SER A 14 9.47 -4.26 -4.79
C SER A 14 9.20 -5.51 -5.67
N SER A 15 7.96 -5.71 -6.08
CA SER A 15 7.60 -6.86 -6.91
C SER A 15 6.33 -6.56 -7.70
N GLY A 16 6.19 -7.20 -8.87
CA GLY A 16 4.90 -7.23 -9.59
C GLY A 16 4.44 -8.66 -9.82
N ARG A 17 3.13 -8.85 -9.91
CA ARG A 17 2.60 -10.18 -10.13
C ARG A 17 1.38 -10.16 -11.02
N VAL A 18 1.27 -11.15 -11.90
CA VAL A 18 0.04 -11.41 -12.62
C VAL A 18 -0.44 -12.78 -12.13
N MSE A 19 -1.65 -12.79 -11.59
CA MSE A 19 -2.18 -13.96 -10.95
C MSE A 19 -3.54 -14.26 -11.51
O MSE A 19 -4.27 -13.36 -11.95
CB MSE A 19 -2.29 -13.77 -9.44
CG MSE A 19 -1.05 -13.17 -8.81
SE MSE A 19 -0.66 -14.36 -7.27
CE MSE A 19 0.96 -13.52 -6.53
N LEU A 20 -3.86 -15.54 -11.52
CA LEU A 20 -5.11 -16.00 -12.08
C LEU A 20 -5.90 -16.66 -10.98
N ALA A 21 -7.14 -16.17 -10.77
CA ALA A 21 -8.05 -16.78 -9.84
C ALA A 21 -9.06 -17.63 -10.58
N ARG A 22 -9.44 -18.74 -9.99
CA ARG A 22 -10.53 -19.53 -10.50
C ARG A 22 -11.62 -19.56 -9.40
N TYR A 23 -12.83 -19.14 -9.75
CA TYR A 23 -13.86 -19.03 -8.74
C TYR A 23 -15.19 -19.63 -9.18
N GLU A 24 -15.83 -20.37 -8.30
CA GLU A 24 -17.25 -20.57 -8.52
C GLU A 24 -18.14 -20.54 -7.31
N ARG A 25 -19.19 -19.72 -7.42
CA ARG A 25 -20.12 -19.43 -6.33
C ARG A 25 -20.66 -20.66 -5.63
N GLU A 26 -21.14 -21.64 -6.41
CA GLU A 26 -21.81 -22.81 -5.84
C GLU A 26 -20.91 -23.53 -4.85
N CYS A 27 -19.63 -23.57 -5.17
CA CYS A 27 -18.64 -24.31 -4.41
C CYS A 27 -17.98 -23.48 -3.30
N ARG A 28 -18.16 -22.16 -3.36
CA ARG A 28 -17.43 -21.22 -2.51
C ARG A 28 -15.91 -21.49 -2.66
N SER A 29 -15.51 -21.98 -3.85
CA SER A 29 -14.11 -22.32 -4.10
C SER A 29 -13.40 -21.23 -4.85
N LEU A 30 -12.31 -20.78 -4.26
CA LEU A 30 -11.50 -19.75 -4.82
C LEU A 30 -10.04 -20.19 -4.79
N THR A 31 -9.45 -20.37 -5.98
CA THR A 31 -8.03 -20.67 -6.07
C THR A 31 -7.28 -19.52 -6.73
N LEU A 32 -6.01 -19.37 -6.39
CA LEU A 32 -5.15 -18.37 -6.98
C LEU A 32 -3.86 -19.03 -7.47
N ARG A 33 -3.51 -18.84 -8.75
CA ARG A 33 -2.25 -19.37 -9.38
C ARG A 33 -1.40 -18.18 -9.83
N GLU A 34 -0.09 -18.25 -9.64
CA GLU A 34 0.77 -17.21 -10.13
C GLU A 34 1.04 -17.44 -11.62
N ILE A 35 0.81 -16.46 -12.47
CA ILE A 35 1.12 -16.59 -13.90
C ILE A 35 2.49 -16.01 -14.19
N HIS A 36 2.76 -14.80 -13.71
CA HIS A 36 4.04 -14.12 -13.98
C HIS A 36 4.41 -13.22 -12.79
N ARG A 37 5.57 -13.48 -12.20
CA ARG A 37 6.11 -12.64 -11.13
C ARG A 37 7.35 -11.95 -11.68
N PHE A 38 7.50 -10.65 -11.39
CA PHE A 38 8.64 -9.90 -11.89
C PHE A 38 9.14 -8.91 -10.85
N ASN A 39 10.39 -8.50 -10.98
CA ASN A 39 10.93 -7.50 -10.08
C ASN A 39 10.35 -6.13 -10.37
N ASN A 40 10.22 -5.33 -9.32
CA ASN A 40 9.98 -3.93 -9.54
C ASN A 40 10.90 -3.28 -8.56
N GLY A 41 11.19 -2.02 -8.79
CA GLY A 41 12.15 -1.34 -7.95
C GLY A 41 12.43 0.00 -8.53
N LEU A 42 13.11 0.83 -7.75
CA LEU A 42 13.37 2.18 -8.13
C LEU A 42 14.52 2.16 -9.11
N HIS A 43 14.42 3.04 -10.09
CA HIS A 43 15.51 3.24 -11.04
C HIS A 43 16.03 4.65 -10.98
N SER A 44 17.34 4.76 -10.85
CA SER A 44 17.98 6.07 -10.92
C SER A 44 18.12 6.43 -12.39
N GLN A 45 17.40 7.47 -12.79
CA GLN A 45 17.38 7.88 -14.19
C GLN A 45 17.52 9.40 -14.30
N ASN A 46 18.66 9.84 -14.82
CA ASN A 46 18.91 11.28 -15.08
C ASN A 46 18.75 12.16 -13.84
N GLY A 47 19.24 11.70 -12.71
CA GLY A 47 19.16 12.47 -11.46
C GLY A 47 17.83 12.31 -10.70
N TYR A 48 16.96 11.44 -11.19
CA TYR A 48 15.64 11.14 -10.60
C TYR A 48 15.50 9.68 -10.24
N VAL A 49 14.63 9.44 -9.25
CA VAL A 49 14.23 8.11 -8.87
C VAL A 49 12.89 7.90 -9.55
N THR A 50 12.88 6.92 -10.48
CA THR A 50 11.72 6.70 -11.32
C THR A 50 11.26 5.25 -11.31
N TRP A 51 10.09 5.02 -11.91
CA TRP A 51 9.59 3.69 -12.27
C TRP A 51 9.79 3.38 -13.76
N ASP A 52 10.09 2.13 -14.07
CA ASP A 52 10.30 1.76 -15.45
C ASP A 52 8.95 1.27 -15.93
N VAL A 53 8.08 2.21 -16.29
CA VAL A 53 6.68 1.84 -16.57
C VAL A 53 6.58 1.01 -17.85
N ASP A 54 7.47 1.26 -18.81
CA ASP A 54 7.45 0.46 -20.04
C ASP A 54 7.75 -1.00 -19.74
N SER A 55 8.73 -1.28 -18.88
CA SER A 55 9.02 -2.68 -18.52
C SER A 55 7.88 -3.27 -17.71
N LEU A 56 7.26 -2.46 -16.86
CA LEU A 56 6.10 -2.94 -16.14
C LEU A 56 4.96 -3.31 -17.08
N GLU A 57 4.65 -2.47 -18.06
CA GLU A 57 3.61 -2.81 -19.03
C GLU A 57 3.90 -4.08 -19.80
N SER A 58 5.15 -4.24 -20.23
CA SER A 58 5.56 -5.44 -20.97
CA SER A 58 5.54 -5.44 -20.96
C SER A 58 5.38 -6.69 -20.10
N ALA A 59 5.75 -6.57 -18.83
CA ALA A 59 5.59 -7.65 -17.86
C ALA A 59 4.10 -7.99 -17.71
N ILE A 60 3.24 -6.96 -17.61
CA ILE A 60 1.82 -7.17 -17.48
C ILE A 60 1.28 -7.89 -18.73
N ARG A 61 1.64 -7.39 -19.93
CA ARG A 61 1.20 -7.98 -21.18
C ARG A 61 1.67 -9.44 -21.28
N LEU A 62 2.93 -9.69 -20.88
CA LEU A 62 3.49 -11.05 -20.89
C LEU A 62 2.60 -12.02 -20.09
N GLY A 63 2.24 -11.60 -18.88
CA GLY A 63 1.36 -12.39 -18.00
C GLY A 63 -0.01 -12.62 -18.62
N LEU A 64 -0.63 -11.54 -19.12
CA LEU A 64 -1.93 -11.64 -19.81
C LEU A 64 -1.88 -12.58 -21.01
N ASN A 65 -0.85 -12.43 -21.84
CA ASN A 65 -0.75 -13.24 -23.04
C ASN A 65 -0.46 -14.70 -22.73
N LYS A 66 0.19 -14.98 -21.60
CA LYS A 66 0.36 -16.37 -21.14
C LYS A 66 -0.98 -17.07 -20.91
N VAL A 67 -1.89 -16.42 -20.19
CA VAL A 67 -3.24 -16.94 -19.97
C VAL A 67 -4.00 -17.14 -21.31
N CYS A 68 -3.87 -16.18 -22.22
CA CYS A 68 -4.51 -16.25 -23.54
C CYS A 68 -4.03 -17.45 -24.35
N ALA A 69 -2.70 -17.57 -24.47
CA ALA A 69 -2.07 -18.66 -25.25
C ALA A 69 -2.33 -20.02 -24.61
N ALA A 70 -2.66 -20.03 -23.33
CA ALA A 70 -3.06 -21.24 -22.65
C ALA A 70 -4.50 -21.66 -23.02
N GLY A 71 -5.24 -20.80 -23.72
CA GLY A 71 -6.63 -21.09 -24.07
C GLY A 71 -7.65 -20.92 -22.95
N ILE A 72 -7.29 -20.23 -21.87
CA ILE A 72 -8.20 -20.02 -20.74
C ILE A 72 -9.20 -18.90 -21.06
N ALA A 73 -10.46 -19.10 -20.67
CA ALA A 73 -11.49 -18.06 -20.88
C ALA A 73 -11.45 -17.01 -19.77
N ILE A 74 -10.74 -15.92 -20.04
CA ILE A 74 -10.63 -14.83 -19.08
C ILE A 74 -11.93 -14.03 -18.99
N ASP A 75 -12.45 -13.92 -17.78
CA ASP A 75 -13.74 -13.28 -17.60
C ASP A 75 -13.53 -11.80 -17.32
N SER A 76 -12.39 -11.46 -16.73
CA SER A 76 -12.10 -10.07 -16.42
C SER A 76 -10.65 -9.93 -16.00
N ILE A 77 -10.17 -8.69 -16.02
CA ILE A 77 -8.82 -8.31 -15.56
C ILE A 77 -8.97 -7.08 -14.68
N GLY A 78 -8.12 -6.97 -13.64
CA GLY A 78 -8.11 -5.78 -12.84
C GLY A 78 -6.71 -5.50 -12.36
N ILE A 79 -6.42 -4.22 -12.10
CA ILE A 79 -5.07 -3.75 -11.78
C ILE A 79 -5.06 -2.93 -10.49
N ASP A 80 -4.15 -3.29 -9.59
CA ASP A 80 -3.91 -2.50 -8.42
C ASP A 80 -2.42 -2.22 -8.29
N THR A 81 -2.09 -1.04 -7.76
CA THR A 81 -0.68 -0.68 -7.59
C THR A 81 -0.51 0.10 -6.30
N TRP A 82 0.73 0.46 -5.99
CA TRP A 82 1.02 1.35 -4.89
C TRP A 82 0.40 2.73 -5.21
N GLY A 83 0.05 3.45 -4.14
CA GLY A 83 -0.63 4.73 -4.27
C GLY A 83 0.21 5.93 -4.67
N VAL A 84 -0.45 7.09 -4.69
CA VAL A 84 0.18 8.39 -4.78
C VAL A 84 0.76 8.73 -6.17
N ASP A 85 1.47 7.78 -6.76
CA ASP A 85 2.21 8.06 -8.00
C ASP A 85 1.33 8.07 -9.28
N PHE A 86 1.79 8.81 -10.28
CA PHE A 86 1.01 9.11 -11.49
C PHE A 86 1.91 9.17 -12.71
N VAL A 87 1.27 9.13 -13.88
CA VAL A 87 1.90 9.31 -15.15
C VAL A 87 1.12 10.42 -15.88
N LEU A 88 1.88 11.40 -16.39
CA LEU A 88 1.35 12.51 -17.19
C LEU A 88 1.29 12.13 -18.64
N LEU A 89 0.20 12.56 -19.31
CA LEU A 89 -0.03 12.23 -20.71
C LEU A 89 -0.39 13.44 -21.54
N ASP A 90 0.11 13.48 -22.78
CA ASP A 90 -0.27 14.54 -23.71
C ASP A 90 -1.58 14.18 -24.39
N GLN A 91 -2.06 15.03 -25.29
CA GLN A 91 -3.36 14.84 -25.92
C GLN A 91 -3.44 13.55 -26.75
N GLN A 92 -2.29 13.01 -27.15
CA GLN A 92 -2.28 11.78 -27.93
C GLN A 92 -1.98 10.52 -27.10
N GLY A 93 -1.72 10.70 -25.81
CA GLY A 93 -1.51 9.56 -24.93
C GLY A 93 -0.06 9.17 -24.71
N GLN A 94 0.84 10.00 -25.20
CA GLN A 94 2.26 9.81 -24.94
C GLN A 94 2.59 10.45 -23.59
N ARG A 95 3.52 9.82 -22.89
CA ARG A 95 3.93 10.32 -21.58
C ARG A 95 4.65 11.66 -21.70
N VAL A 96 4.37 12.51 -20.73
CA VAL A 96 5.01 13.79 -20.60
C VAL A 96 5.94 13.70 -19.38
N GLY A 97 7.19 14.10 -19.55
CA GLY A 97 8.16 14.02 -18.46
C GLY A 97 8.43 12.57 -18.06
N LEU A 98 9.04 12.38 -16.88
CA LEU A 98 9.41 11.05 -16.40
C LEU A 98 8.35 10.51 -15.43
N PRO A 99 8.27 9.16 -15.26
CA PRO A 99 7.37 8.66 -14.21
C PRO A 99 8.10 8.63 -12.87
N VAL A 100 8.11 9.79 -12.21
CA VAL A 100 8.91 9.98 -11.01
C VAL A 100 8.26 9.20 -9.83
N ALA A 101 9.11 8.59 -9.00
CA ALA A 101 8.63 7.72 -7.92
C ALA A 101 8.40 8.53 -6.64
N TYR A 102 7.58 8.01 -5.72
CA TYR A 102 7.33 8.74 -4.47
C TYR A 102 8.57 8.88 -3.60
N ARG A 103 9.57 8.03 -3.81
CA ARG A 103 10.85 8.10 -3.06
C ARG A 103 11.79 9.20 -3.57
N ASP A 104 11.45 9.86 -4.69
CA ASP A 104 12.24 11.00 -5.18
C ASP A 104 12.28 12.18 -4.20
N SER A 105 13.40 12.86 -4.14
CA SER A 105 13.54 13.96 -3.19
C SER A 105 13.01 15.31 -3.75
N ARG A 106 12.47 15.31 -4.97
CA ARG A 106 11.93 16.55 -5.60
C ARG A 106 10.90 17.30 -4.72
N THR A 107 10.18 16.54 -3.90
CA THR A 107 9.15 17.11 -3.04
C THR A 107 9.68 17.74 -1.75
N ASN A 108 10.99 17.59 -1.47
CA ASN A 108 11.49 17.99 -0.14
C ASN A 108 11.15 19.45 0.19
N GLY A 109 10.54 19.68 1.35
CA GLY A 109 10.22 21.01 1.79
C GLY A 109 8.80 21.44 1.47
N LEU A 110 8.19 20.82 0.45
CA LEU A 110 6.92 21.29 -0.10
C LEU A 110 5.70 21.04 0.78
N MSE A 111 5.74 19.97 1.56
CA MSE A 111 4.67 19.68 2.53
C MSE A 111 4.63 20.78 3.59
O MSE A 111 3.55 21.29 3.90
CB MSE A 111 4.90 18.32 3.20
CG MSE A 111 3.82 17.96 4.21
SE MSE A 111 4.28 16.25 5.06
CE MSE A 111 5.25 16.81 6.55
N ALA A 112 5.79 21.13 4.15
CA ALA A 112 5.86 22.24 5.09
C ALA A 112 5.33 23.56 4.48
N GLN A 113 5.69 23.80 3.22
CA GLN A 113 5.28 25.02 2.53
C GLN A 113 3.77 25.06 2.39
N ALA A 114 3.17 23.91 2.10
CA ALA A 114 1.71 23.86 1.95
C ALA A 114 1.03 24.13 3.27
N GLN A 115 1.53 23.51 4.33
CA GLN A 115 1.01 23.75 5.68
C GLN A 115 1.12 25.23 6.08
N GLN A 116 2.23 25.87 5.71
CA GLN A 116 2.48 27.29 5.96
C GLN A 116 1.55 28.20 5.15
N GLN A 117 1.37 27.88 3.87
CA GLN A 117 0.59 28.74 3.00
C GLN A 117 -0.91 28.50 3.11
N LEU A 118 -1.31 27.23 3.20
CA LEU A 118 -2.72 26.81 3.17
C LEU A 118 -3.33 26.60 4.55
N GLY A 119 -2.50 26.20 5.52
CA GLY A 119 -2.93 25.84 6.86
C GLY A 119 -2.97 24.32 6.98
N LYS A 120 -2.21 23.77 7.91
CA LYS A 120 -2.19 22.35 8.23
C LYS A 120 -3.59 21.81 8.48
N ARG A 121 -4.33 22.51 9.34
CA ARG A 121 -5.66 22.10 9.71
C ARG A 121 -6.60 22.13 8.50
N ASP A 122 -6.44 23.15 7.68
CA ASP A 122 -7.24 23.34 6.48
C ASP A 122 -7.07 22.17 5.51
N ILE A 123 -5.83 21.84 5.19
CA ILE A 123 -5.58 20.69 4.28
C ILE A 123 -6.17 19.42 4.86
N TYR A 124 -6.06 19.27 6.19
CA TYR A 124 -6.50 18.03 6.83
C TYR A 124 -8.01 17.90 6.86
N GLN A 125 -8.70 18.99 7.19
CA GLN A 125 -10.17 18.96 7.21
C GLN A 125 -10.79 18.76 5.82
N ARG A 126 -10.13 19.27 4.79
CA ARG A 126 -10.61 19.10 3.44
C ARG A 126 -10.38 17.67 2.92
N SER A 127 -9.20 17.10 3.22
CA SER A 127 -8.77 15.80 2.62
C SER A 127 -8.95 14.60 3.54
N GLY A 128 -8.87 14.85 4.84
CA GLY A 128 -8.80 13.79 5.83
C GLY A 128 -7.61 12.84 5.65
N ILE A 129 -6.56 13.29 4.95
CA ILE A 129 -5.41 12.44 4.59
C ILE A 129 -4.16 12.81 5.37
N GLN A 130 -3.41 11.79 5.79
CA GLN A 130 -2.24 11.99 6.66
C GLN A 130 -1.20 12.81 5.90
N PHE A 131 -0.39 13.52 6.65
CA PHE A 131 0.69 14.26 6.03
C PHE A 131 1.89 13.38 5.71
N LEU A 132 2.11 13.08 4.42
CA LEU A 132 3.32 12.37 4.03
C LEU A 132 4.01 13.27 3.03
N PRO A 133 5.33 13.46 3.17
CA PRO A 133 6.03 14.43 2.30
C PRO A 133 5.94 14.18 0.79
N PHE A 134 5.61 12.95 0.39
CA PHE A 134 5.55 12.54 -1.02
C PHE A 134 4.11 12.38 -1.50
N ASN A 135 3.15 12.86 -0.71
CA ASN A 135 1.79 12.89 -1.24
C ASN A 135 1.73 13.60 -2.58
N THR A 136 0.80 13.13 -3.43
CA THR A 136 0.60 13.65 -4.78
C THR A 136 0.46 15.18 -4.78
N LEU A 137 -0.25 15.73 -3.78
CA LEU A 137 -0.40 17.18 -3.62
C LEU A 137 0.96 17.88 -3.79
N TYR A 138 1.99 17.31 -3.16
CA TYR A 138 3.33 17.89 -3.13
C TYR A 138 4.15 17.54 -4.39
N GLN A 139 3.94 16.34 -4.93
CA GLN A 139 4.61 15.93 -6.17
C GLN A 139 4.18 16.84 -7.30
N LEU A 140 2.89 17.20 -7.31
CA LEU A 140 2.40 18.06 -8.40
C LEU A 140 2.90 19.49 -8.26
N ARG A 141 3.04 19.96 -7.02
CA ARG A 141 3.74 21.23 -6.75
C ARG A 141 5.17 21.19 -7.26
N ALA A 142 5.89 20.12 -6.94
CA ALA A 142 7.23 19.96 -7.46
C ALA A 142 7.23 20.02 -8.99
N LEU A 143 6.33 19.28 -9.62
CA LEU A 143 6.32 19.19 -11.07
C LEU A 143 6.09 20.55 -11.69
N THR A 144 5.04 21.22 -11.25
CA THR A 144 4.66 22.49 -11.83
C THR A 144 5.63 23.63 -11.49
N GLU A 145 6.20 23.60 -10.30
CA GLU A 145 7.23 24.60 -9.93
C GLU A 145 8.54 24.39 -10.69
N GLN A 146 8.95 23.13 -10.82
CA GLN A 146 10.31 22.77 -11.28
C GLN A 146 10.40 22.42 -12.76
N GLN A 147 9.27 22.04 -13.35
CA GLN A 147 9.25 21.71 -14.77
C GLN A 147 8.17 22.45 -15.56
N PRO A 148 8.14 23.81 -15.45
CA PRO A 148 7.05 24.60 -16.04
C PRO A 148 6.91 24.41 -17.56
N GLU A 149 8.02 24.06 -18.22
CA GLU A 149 8.00 23.79 -19.67
C GLU A 149 7.13 22.57 -20.06
N LEU A 150 6.97 21.61 -19.14
CA LEU A 150 6.12 20.43 -19.40
C LEU A 150 4.61 20.76 -19.40
N ILE A 151 4.22 21.81 -18.70
CA ILE A 151 2.82 22.03 -18.34
C ILE A 151 1.84 22.11 -19.52
N PRO A 152 2.18 22.92 -20.57
CA PRO A 152 1.27 23.04 -21.73
C PRO A 152 0.99 21.73 -22.43
N HIS A 153 1.92 20.79 -22.35
CA HIS A 153 1.76 19.50 -23.01
C HIS A 153 0.81 18.55 -22.28
N ILE A 154 0.57 18.78 -21.00
CA ILE A 154 -0.22 17.85 -20.21
C ILE A 154 -1.72 17.91 -20.54
N ALA A 155 -2.27 16.80 -21.02
CA ALA A 155 -3.72 16.67 -21.17
C ALA A 155 -4.37 15.92 -19.98
N HIS A 156 -3.66 14.94 -19.42
CA HIS A 156 -4.25 14.12 -18.36
C HIS A 156 -3.19 13.62 -17.40
N ALA A 157 -3.53 13.51 -16.12
CA ALA A 157 -2.70 12.77 -15.20
C ALA A 157 -3.47 11.53 -14.76
N LEU A 158 -2.88 10.36 -14.99
CA LEU A 158 -3.48 9.13 -14.49
C LEU A 158 -2.65 8.54 -13.32
N LEU A 159 -3.32 8.20 -12.22
CA LEU A 159 -2.67 7.44 -11.14
C LEU A 159 -2.20 6.08 -11.70
N MSE A 160 -1.19 5.48 -11.08
CA MSE A 160 -0.50 4.32 -11.70
C MSE A 160 -1.44 3.18 -12.22
O MSE A 160 -1.27 2.70 -13.35
CB MSE A 160 0.55 3.77 -10.71
CG MSE A 160 1.63 2.85 -11.32
SE MSE A 160 2.64 3.68 -12.82
CE MSE A 160 3.38 5.31 -11.80
N PRO A 161 -2.41 2.74 -11.38
CA PRO A 161 -3.24 1.61 -11.86
C PRO A 161 -4.06 1.99 -13.10
N ASP A 162 -4.61 3.21 -13.09
CA ASP A 162 -5.43 3.70 -14.20
C ASP A 162 -4.54 3.97 -15.43
N TYR A 163 -3.28 4.32 -15.17
CA TYR A 163 -2.33 4.38 -16.28
C TYR A 163 -2.24 3.05 -17.03
N PHE A 164 -1.94 1.95 -16.33
CA PHE A 164 -1.90 0.64 -16.97
C PHE A 164 -3.23 0.16 -17.52
N SER A 165 -4.35 0.53 -16.87
CA SER A 165 -5.68 0.20 -17.39
C SER A 165 -5.94 0.88 -18.73
N TYR A 166 -5.45 2.12 -18.86
CA TYR A 166 -5.49 2.89 -20.09
C TYR A 166 -4.60 2.25 -21.17
N ARG A 167 -3.40 1.85 -20.77
CA ARG A 167 -2.47 1.22 -21.71
C ARG A 167 -3.04 -0.09 -22.25
N LEU A 168 -3.96 -0.70 -21.52
CA LEU A 168 -4.65 -1.90 -21.98
C LEU A 168 -5.89 -1.60 -22.78
N THR A 169 -6.68 -0.61 -22.35
CA THR A 169 -8.01 -0.41 -22.94
C THR A 169 -8.14 0.77 -23.92
N GLY A 170 -7.25 1.75 -23.80
CA GLY A 170 -7.37 3.01 -24.54
C GLY A 170 -8.39 3.91 -23.90
N LYS A 171 -8.85 3.55 -22.70
CA LYS A 171 -9.83 4.34 -21.97
C LYS A 171 -9.27 4.83 -20.64
N MSE A 172 -9.63 6.04 -20.26
CA MSE A 172 -9.12 6.58 -19.00
C MSE A 172 -10.11 6.50 -17.87
O MSE A 172 -11.33 6.54 -18.10
CB MSE A 172 -8.64 8.00 -19.23
CG MSE A 172 -7.48 8.05 -20.18
SE MSE A 172 -6.80 9.83 -20.34
CE MSE A 172 -5.49 9.68 -21.93
N ASN A 173 -9.58 6.38 -16.66
CA ASN A 173 -10.37 6.18 -15.44
C ASN A 173 -9.71 6.89 -14.28
N TRP A 174 -10.50 7.36 -13.31
CA TRP A 174 -9.91 7.89 -12.07
C TRP A 174 -10.52 7.20 -10.88
N GLU A 175 -9.85 6.13 -10.42
CA GLU A 175 -10.41 5.26 -9.40
C GLU A 175 -10.36 5.90 -7.98
N TYR A 176 -11.51 5.89 -7.28
CA TYR A 176 -11.72 6.57 -6.02
C TYR A 176 -10.69 6.18 -4.92
N THR A 177 -10.53 4.89 -4.66
CA THR A 177 -9.73 4.47 -3.51
C THR A 177 -8.31 5.01 -3.67
N ASN A 178 -7.75 4.87 -4.86
CA ASN A 178 -6.42 5.45 -5.11
C ASN A 178 -6.38 6.99 -5.22
N ALA A 179 -7.44 7.58 -5.78
CA ALA A 179 -7.51 9.06 -5.85
C ALA A 179 -7.34 9.65 -4.44
N THR A 180 -7.95 8.99 -3.45
CA THR A 180 -7.88 9.50 -2.06
C THR A 180 -6.43 9.60 -1.54
N THR A 181 -5.52 8.76 -2.05
CA THR A 181 -4.14 8.80 -1.57
C THR A 181 -3.43 10.09 -1.96
N THR A 182 -4.04 10.86 -2.85
CA THR A 182 -3.34 12.02 -3.41
C THR A 182 -3.26 13.20 -2.46
N GLN A 183 -4.12 13.21 -1.43
CA GLN A 183 -4.39 14.40 -0.61
C GLN A 183 -4.90 15.55 -1.49
N LEU A 184 -5.64 15.18 -2.55
CA LEU A 184 -6.32 16.14 -3.42
C LEU A 184 -7.83 15.94 -3.49
N VAL A 185 -8.33 14.87 -2.91
CA VAL A 185 -9.76 14.65 -2.93
C VAL A 185 -10.39 15.20 -1.63
N ASN A 186 -11.40 16.07 -1.79
CA ASN A 186 -12.22 16.48 -0.67
C ASN A 186 -13.02 15.33 -0.07
N ILE A 187 -12.86 15.09 1.23
CA ILE A 187 -13.49 13.97 1.90
C ILE A 187 -15.05 14.08 1.94
N ASN A 188 -15.59 15.27 1.72
CA ASN A 188 -17.04 15.48 1.80
C ASN A 188 -17.74 15.38 0.46
N SER A 189 -17.00 15.58 -0.62
CA SER A 189 -17.58 15.56 -1.95
C SER A 189 -17.15 14.35 -2.79
N ASP A 190 -16.15 13.60 -2.31
CA ASP A 190 -15.45 12.57 -3.10
C ASP A 190 -15.00 13.04 -4.50
N ASP A 191 -14.82 14.34 -4.68
CA ASP A 191 -14.32 14.89 -5.94
C ASP A 191 -13.09 15.74 -5.59
N TRP A 192 -12.29 16.09 -6.61
CA TRP A 192 -11.08 16.89 -6.47
C TRP A 192 -11.36 18.25 -5.82
N ASP A 193 -10.52 18.60 -4.84
CA ASP A 193 -10.68 19.83 -4.06
C ASP A 193 -9.97 20.93 -4.83
N GLU A 194 -10.75 21.97 -5.17
CA GLU A 194 -10.30 23.07 -6.03
C GLU A 194 -9.15 23.82 -5.41
N SER A 195 -9.23 24.07 -4.11
CA SER A 195 -8.20 24.83 -3.43
C SER A 195 -6.86 24.04 -3.38
N LEU A 196 -6.94 22.72 -3.17
CA LEU A 196 -5.71 21.92 -3.10
C LEU A 196 -5.12 21.77 -4.52
N LEU A 197 -5.98 21.54 -5.52
CA LEU A 197 -5.51 21.56 -6.91
C LEU A 197 -4.87 22.90 -7.26
N ALA A 198 -5.51 24.02 -6.87
CA ALA A 198 -4.94 25.36 -7.14
C ALA A 198 -3.52 25.48 -6.59
N TRP A 199 -3.33 25.13 -5.32
CA TRP A 199 -1.99 25.19 -4.74
C TRP A 199 -0.99 24.28 -5.48
N SER A 200 -1.40 23.06 -5.82
CA SER A 200 -0.50 22.11 -6.50
C SER A 200 -0.09 22.56 -7.90
N GLY A 201 -0.85 23.47 -8.50
CA GLY A 201 -0.61 23.92 -9.88
C GLY A 201 -1.21 23.00 -10.94
N ALA A 202 -1.82 21.91 -10.51
CA ALA A 202 -2.54 21.04 -11.42
C ALA A 202 -3.89 21.63 -11.81
N ASN A 203 -4.36 21.20 -12.97
CA ASN A 203 -5.62 21.62 -13.49
C ASN A 203 -6.65 20.48 -13.36
N LYS A 204 -7.84 20.85 -12.89
CA LYS A 204 -8.95 19.91 -12.72
C LYS A 204 -9.27 19.12 -14.00
N ALA A 205 -9.05 19.74 -15.16
CA ALA A 205 -9.29 19.09 -16.46
C ALA A 205 -8.34 17.96 -16.79
N TRP A 206 -7.22 17.87 -16.05
CA TRP A 206 -6.30 16.73 -16.13
C TRP A 206 -6.87 15.42 -15.54
N PHE A 207 -7.95 15.53 -14.80
CA PHE A 207 -8.54 14.41 -14.10
C PHE A 207 -9.96 14.15 -14.56
N GLY A 208 -10.65 13.25 -13.87
CA GLY A 208 -12.09 13.07 -14.06
C GLY A 208 -12.68 12.89 -12.69
N ARG A 209 -14.02 13.01 -12.58
CA ARG A 209 -14.66 12.80 -11.30
C ARG A 209 -14.30 11.38 -10.84
N PRO A 210 -13.82 11.23 -9.59
CA PRO A 210 -13.44 9.89 -9.14
C PRO A 210 -14.62 8.95 -9.13
N THR A 211 -14.36 7.72 -9.52
CA THR A 211 -15.45 6.75 -9.71
C THR A 211 -15.20 5.56 -8.80
N HIS A 212 -16.23 5.17 -8.06
CA HIS A 212 -16.11 4.04 -7.11
C HIS A 212 -15.80 2.73 -7.81
N PRO A 213 -15.09 1.78 -7.15
CA PRO A 213 -14.66 0.59 -7.92
C PRO A 213 -15.83 -0.26 -8.44
N GLY A 214 -15.61 -0.99 -9.54
CA GLY A 214 -16.58 -1.94 -10.05
C GLY A 214 -16.99 -1.66 -11.48
N ASN A 215 -16.70 -0.45 -11.94
CA ASN A 215 -17.00 -0.11 -13.32
C ASN A 215 -16.05 -0.79 -14.31
N VAL A 216 -16.59 -1.06 -15.48
CA VAL A 216 -15.79 -1.57 -16.58
C VAL A 216 -15.17 -0.37 -17.27
N ILE A 217 -13.84 -0.28 -17.13
CA ILE A 217 -13.05 0.78 -17.73
C ILE A 217 -13.12 0.68 -19.26
N GLY A 218 -12.84 -0.51 -19.76
CA GLY A 218 -12.84 -0.77 -21.17
C GLY A 218 -12.57 -2.24 -21.34
N HIS A 219 -12.04 -2.59 -22.51
CA HIS A 219 -11.79 -3.98 -22.85
C HIS A 219 -10.35 -4.19 -23.32
N TRP A 220 -9.81 -5.36 -23.02
CA TRP A 220 -8.56 -5.82 -23.60
C TRP A 220 -8.77 -7.02 -24.58
N ILE A 221 -7.81 -7.19 -25.49
CA ILE A 221 -7.93 -8.15 -26.59
C ILE A 221 -6.77 -9.16 -26.59
N CYS A 222 -7.09 -10.43 -26.33
CA CYS A 222 -6.12 -11.51 -26.52
C CYS A 222 -5.89 -11.52 -28.03
N PRO A 223 -4.62 -11.68 -28.47
CA PRO A 223 -4.20 -11.59 -29.88
C PRO A 223 -5.09 -12.33 -30.91
N GLN A 224 -6.08 -13.10 -30.42
CA GLN A 224 -7.10 -13.70 -31.28
C GLN A 224 -8.30 -12.75 -31.41
N GLY A 225 -8.70 -12.11 -30.31
CA GLY A 225 -9.65 -11.00 -30.40
C GLY A 225 -10.98 -11.02 -29.66
N ASN A 226 -11.13 -11.85 -28.63
CA ASN A 226 -12.33 -11.72 -27.80
C ASN A 226 -12.16 -10.67 -26.69
N GLU A 227 -13.15 -9.79 -26.56
CA GLU A 227 -13.11 -8.64 -25.65
C GLU A 227 -13.21 -9.07 -24.19
N ILE A 228 -12.14 -8.80 -23.45
CA ILE A 228 -12.07 -9.02 -22.00
C ILE A 228 -12.20 -7.69 -21.24
N PRO A 229 -13.24 -7.61 -20.40
CA PRO A 229 -13.49 -6.40 -19.61
C PRO A 229 -12.34 -6.12 -18.65
N VAL A 230 -11.85 -4.87 -18.67
CA VAL A 230 -10.93 -4.39 -17.66
C VAL A 230 -11.70 -3.59 -16.63
N VAL A 231 -11.72 -4.11 -15.42
CA VAL A 231 -12.54 -3.56 -14.35
C VAL A 231 -11.68 -2.63 -13.48
N ALA A 232 -12.27 -1.52 -13.03
CA ALA A 232 -11.66 -0.66 -12.03
C ALA A 232 -11.91 -1.31 -10.70
N VAL A 233 -10.84 -1.80 -10.06
CA VAL A 233 -10.98 -2.43 -8.72
C VAL A 233 -10.69 -1.40 -7.65
N ALA A 234 -10.60 -1.81 -6.39
CA ALA A 234 -10.13 -0.90 -5.37
C ALA A 234 -8.63 -0.81 -5.67
N SER A 235 -8.30 0.14 -6.56
CA SER A 235 -7.01 0.06 -7.28
C SER A 235 -5.76 0.44 -6.44
N HIS A 236 -5.98 1.12 -5.31
CA HIS A 236 -4.93 1.31 -4.32
C HIS A 236 -4.61 -0.05 -3.72
N ASP A 237 -3.36 -0.51 -3.85
CA ASP A 237 -3.02 -1.85 -3.32
C ASP A 237 -3.48 -2.13 -1.88
N THR A 238 -3.30 -1.14 -1.02
CA THR A 238 -3.69 -1.28 0.39
C THR A 238 -5.22 -1.40 0.51
N ALA A 239 -5.95 -0.69 -0.36
CA ALA A 239 -7.44 -0.85 -0.41
C ALA A 239 -7.82 -2.29 -0.77
N SER A 240 -7.14 -2.87 -1.75
CA SER A 240 -7.34 -4.27 -2.09
C SER A 240 -6.97 -5.20 -0.95
N ALA A 241 -5.84 -4.93 -0.27
CA ALA A 241 -5.38 -5.82 0.74
C ALA A 241 -6.39 -5.83 1.87
N VAL A 242 -6.97 -4.66 2.16
CA VAL A 242 -7.99 -4.53 3.24
C VAL A 242 -9.24 -5.31 2.89
N ILE A 243 -9.69 -5.23 1.63
CA ILE A 243 -10.85 -6.02 1.19
C ILE A 243 -10.61 -7.52 1.51
N ALA A 244 -9.41 -8.03 1.20
CA ALA A 244 -9.11 -9.46 1.43
C ALA A 244 -8.78 -9.84 2.89
N SER A 245 -8.58 -8.87 3.75
CA SER A 245 -8.32 -9.18 5.14
C SER A 245 -9.58 -9.75 5.77
N PRO A 246 -9.50 -10.96 6.40
CA PRO A 246 -10.75 -11.58 6.90
C PRO A 246 -11.16 -10.97 8.23
N LEU A 247 -11.50 -9.69 8.18
CA LEU A 247 -11.94 -8.91 9.33
CA LEU A 247 -11.91 -8.93 9.33
C LEU A 247 -13.23 -9.46 9.93
N ASN A 248 -13.23 -9.65 11.25
CA ASN A 248 -14.41 -10.13 11.96
C ASN A 248 -15.03 -9.01 12.78
N GLY A 249 -15.83 -8.16 12.15
CA GLY A 249 -16.51 -7.09 12.90
C GLY A 249 -15.59 -6.02 13.47
N SER A 250 -16.18 -5.15 14.27
CA SER A 250 -15.63 -3.85 14.60
C SER A 250 -14.37 -3.86 15.47
N ARG A 251 -14.13 -4.95 16.21
CA ARG A 251 -12.94 -4.99 17.04
C ARG A 251 -11.77 -5.67 16.34
N ALA A 252 -11.81 -5.79 15.02
CA ALA A 252 -10.61 -6.27 14.29
C ALA A 252 -9.88 -5.17 13.53
N ALA A 253 -8.56 -5.14 13.66
CA ALA A 253 -7.76 -4.22 12.87
C ALA A 253 -6.97 -4.98 11.82
N TYR A 254 -6.38 -4.26 10.86
CA TYR A 254 -5.52 -4.84 9.84
C TYR A 254 -4.11 -4.28 9.88
N LEU A 255 -3.16 -5.10 9.43
CA LEU A 255 -1.80 -4.61 9.22
C LEU A 255 -1.42 -5.17 7.85
N SER A 256 -1.39 -4.32 6.83
CA SER A 256 -0.99 -4.70 5.47
C SER A 256 0.50 -4.53 5.34
N SER A 257 1.23 -5.64 5.31
CA SER A 257 2.68 -5.62 5.53
C SER A 257 3.42 -5.99 4.26
N GLY A 258 4.06 -5.01 3.62
CA GLY A 258 4.95 -5.23 2.48
C GLY A 258 6.08 -4.25 2.65
N THR A 259 6.42 -3.56 1.57
CA THR A 259 7.41 -2.47 1.62
C THR A 259 7.02 -1.49 2.75
N TRP A 260 5.75 -1.11 2.74
CA TRP A 260 5.13 -0.38 3.83
C TRP A 260 4.35 -1.32 4.75
N SER A 261 4.24 -0.92 6.00
CA SER A 261 3.26 -1.48 6.91
C SER A 261 2.10 -0.47 7.07
N LEU A 262 0.92 -0.84 6.63
CA LEU A 262 -0.27 0.04 6.83
C LEU A 262 -1.18 -0.54 7.90
N MSE A 263 -1.26 0.14 9.05
CA MSE A 263 -1.98 -0.39 10.18
C MSE A 263 -3.21 0.45 10.43
O MSE A 263 -3.12 1.64 10.59
CB MSE A 263 -1.12 -0.43 11.47
CG MSE A 263 -1.85 -1.17 12.64
SE MSE A 263 -0.69 -0.99 14.22
CE MSE A 263 -0.74 -2.95 14.81
N GLY A 264 -4.37 -0.19 10.41
CA GLY A 264 -5.59 0.57 10.62
C GLY A 264 -6.82 -0.26 10.86
N PHE A 265 -7.97 0.43 10.78
CA PHE A 265 -9.29 -0.19 10.87
C PHE A 265 -10.18 0.38 9.80
N GLU A 266 -11.41 -0.14 9.72
CA GLU A 266 -12.41 0.35 8.76
C GLU A 266 -13.51 1.11 9.49
N SER A 267 -14.00 2.17 8.88
CA SER A 267 -15.05 2.95 9.44
C SER A 267 -15.99 3.47 8.37
N GLN A 268 -17.30 3.50 8.69
CA GLN A 268 -18.27 4.17 7.81
C GLN A 268 -18.11 5.69 7.80
N THR A 269 -17.47 6.25 8.83
CA THR A 269 -17.24 7.68 8.92
C THR A 269 -15.74 7.97 9.14
N PRO A 270 -15.24 9.09 8.56
CA PRO A 270 -13.84 9.46 8.81
C PRO A 270 -13.61 10.17 10.15
N PHE A 271 -12.35 10.20 10.58
CA PHE A 271 -11.95 10.92 11.75
C PHE A 271 -11.02 12.04 11.32
N THR A 272 -11.52 13.27 11.33
CA THR A 272 -10.71 14.44 11.00
C THR A 272 -10.63 15.42 12.18
N ASN A 273 -10.94 14.95 13.39
CA ASN A 273 -10.84 15.76 14.60
C ASN A 273 -9.39 16.08 14.98
N ASP A 274 -9.20 16.85 16.05
CA ASP A 274 -7.85 17.20 16.47
C ASP A 274 -7.05 16.03 16.98
N THR A 275 -7.73 15.06 17.60
CA THR A 275 -7.06 13.79 17.97
C THR A 275 -6.45 13.08 16.75
N ALA A 276 -7.23 12.99 15.66
CA ALA A 276 -6.78 12.35 14.41
C ALA A 276 -5.63 13.14 13.80
N LEU A 277 -5.78 14.45 13.70
CA LEU A 277 -4.71 15.34 13.20
C LEU A 277 -3.41 15.22 13.96
N ALA A 278 -3.50 15.26 15.30
CA ALA A 278 -2.30 15.11 16.13
C ALA A 278 -1.57 13.80 15.90
N ALA A 279 -2.32 12.73 15.70
CA ALA A 279 -1.73 11.40 15.49
C ALA A 279 -1.29 11.18 14.03
N ASN A 280 -1.63 12.13 13.16
CA ASN A 280 -1.39 12.04 11.72
C ASN A 280 -2.02 10.76 11.12
N ILE A 281 -3.27 10.54 11.48
CA ILE A 281 -4.03 9.41 10.97
C ILE A 281 -4.61 9.74 9.59
N THR A 282 -4.73 8.73 8.71
CA THR A 282 -5.31 8.97 7.40
C THR A 282 -6.69 8.33 7.33
N ASN A 283 -7.53 8.86 6.44
CA ASN A 283 -8.81 8.28 6.11
C ASN A 283 -8.85 8.02 4.61
N GLU A 284 -8.24 6.92 4.21
CA GLU A 284 -8.15 6.57 2.81
C GLU A 284 -9.47 5.97 2.34
N GLY A 285 -9.78 6.15 1.07
CA GLY A 285 -11.05 5.65 0.54
C GLY A 285 -11.06 4.15 0.40
N GLY A 286 -12.19 3.52 0.74
CA GLY A 286 -12.25 2.07 0.65
C GLY A 286 -13.42 1.67 -0.24
N ALA A 287 -13.46 0.38 -0.62
CA ALA A 287 -14.65 -0.17 -1.26
C ALA A 287 -15.87 0.07 -0.35
N GLU A 288 -17.05 0.25 -0.96
CA GLU A 288 -18.31 0.45 -0.22
C GLU A 288 -18.39 1.76 0.54
N GLY A 289 -17.38 2.62 0.32
CA GLY A 289 -17.21 3.84 1.10
C GLY A 289 -16.76 3.63 2.54
N ARG A 290 -16.32 2.43 2.88
CA ARG A 290 -15.76 2.20 4.21
C ARG A 290 -14.32 2.72 4.23
N TYR A 291 -14.15 3.86 4.89
CA TYR A 291 -12.86 4.49 5.12
C TYR A 291 -11.86 3.53 5.78
N ARG A 292 -10.62 3.61 5.31
CA ARG A 292 -9.53 2.85 5.85
C ARG A 292 -8.76 3.87 6.70
N VAL A 293 -9.08 3.84 7.99
CA VAL A 293 -8.50 4.75 8.94
C VAL A 293 -7.22 4.10 9.44
N LEU A 294 -6.10 4.65 9.02
CA LEU A 294 -4.85 3.97 9.14
C LEU A 294 -3.68 4.95 9.29
N LYS A 295 -2.52 4.40 9.65
CA LYS A 295 -1.27 5.14 9.61
C LYS A 295 -0.23 4.37 8.82
N ASN A 296 0.53 5.10 8.02
CA ASN A 296 1.70 4.53 7.34
C ASN A 296 2.84 4.28 8.32
N ILE A 297 3.48 3.11 8.19
CA ILE A 297 4.63 2.77 9.01
C ILE A 297 5.70 2.32 8.03
N MSE A 298 6.89 2.90 8.18
CA MSE A 298 7.95 2.75 7.19
C MSE A 298 8.17 1.29 6.77
O MSE A 298 8.46 1.03 5.62
CB MSE A 298 9.25 3.37 7.68
CG MSE A 298 10.21 3.68 6.56
SE MSE A 298 9.66 5.21 5.48
CE MSE A 298 9.94 6.66 6.83
N GLY A 299 8.04 0.36 7.71
CA GLY A 299 7.88 -1.04 7.34
C GLY A 299 9.15 -1.75 6.85
N LEU A 300 8.95 -2.85 6.14
CA LEU A 300 10.04 -3.77 5.72
C LEU A 300 10.94 -3.21 4.65
N TRP A 301 10.55 -2.05 4.10
CA TRP A 301 11.47 -1.20 3.28
C TRP A 301 12.89 -1.11 3.88
N LEU A 302 12.95 -0.82 5.18
CA LEU A 302 14.23 -0.77 5.89
C LEU A 302 14.99 -2.07 5.71
N LEU A 303 14.31 -3.22 5.85
CA LEU A 303 14.98 -4.53 5.70
C LEU A 303 15.37 -4.79 4.24
N GLN A 304 14.48 -4.48 3.31
CA GLN A 304 14.81 -4.57 1.86
C GLN A 304 16.15 -3.90 1.54
N ARG A 305 16.31 -2.67 2.01
CA ARG A 305 17.55 -1.92 1.81
C ARG A 305 18.75 -2.58 2.51
N VAL A 306 18.61 -3.00 3.76
CA VAL A 306 19.70 -3.72 4.42
C VAL A 306 20.15 -4.95 3.65
N LEU A 307 19.18 -5.71 3.13
CA LEU A 307 19.44 -6.93 2.38
C LEU A 307 20.27 -6.63 1.17
N GLN A 308 19.92 -5.58 0.43
CA GLN A 308 20.78 -5.16 -0.71
C GLN A 308 22.18 -4.74 -0.27
N GLU A 309 22.30 -3.83 0.71
CA GLU A 309 23.63 -3.32 1.13
C GLU A 309 24.57 -4.40 1.67
N ARG A 310 24.05 -5.29 2.50
CA ARG A 310 24.84 -6.38 3.06
C ARG A 310 24.90 -7.65 2.16
N GLN A 311 24.28 -7.57 0.97
CA GLN A 311 24.26 -8.68 0.01
C GLN A 311 23.77 -10.00 0.63
N ILE A 312 22.67 -9.90 1.39
CA ILE A 312 22.07 -11.04 2.07
C ILE A 312 21.02 -11.65 1.14
N ASN A 313 21.20 -12.88 0.69
CA ASN A 313 20.10 -13.38 -0.16
C ASN A 313 19.22 -14.51 0.40
N ASP A 314 19.46 -14.88 1.66
CA ASP A 314 18.57 -15.87 2.30
C ASP A 314 17.81 -15.21 3.44
N LEU A 315 16.67 -14.63 3.12
CA LEU A 315 15.86 -13.94 4.12
C LEU A 315 15.36 -14.91 5.20
N PRO A 316 14.76 -16.06 4.81
CA PRO A 316 14.38 -17.01 5.87
C PRO A 316 15.51 -17.34 6.86
N ALA A 317 16.73 -17.56 6.37
CA ALA A 317 17.87 -17.79 7.27
C ALA A 317 18.11 -16.59 8.18
N LEU A 318 18.01 -15.37 7.61
CA LEU A 318 18.24 -14.17 8.40
C LEU A 318 17.24 -14.10 9.55
N ILE A 319 15.96 -14.29 9.21
CA ILE A 319 14.92 -14.25 10.23
C ILE A 319 15.21 -15.29 11.31
N ALA A 320 15.59 -16.48 10.89
CA ALA A 320 15.91 -17.56 11.83
C ALA A 320 17.03 -17.17 12.76
N ALA A 321 18.10 -16.59 12.20
CA ALA A 321 19.23 -16.16 13.01
C ALA A 321 18.78 -15.06 13.98
N THR A 322 17.93 -14.17 13.50
CA THR A 322 17.54 -13.00 14.26
C THR A 322 16.68 -13.36 15.48
N GLN A 323 15.92 -14.44 15.36
CA GLN A 323 15.19 -15.00 16.49
C GLN A 323 16.05 -15.33 17.72
N ALA A 324 17.33 -15.63 17.51
CA ALA A 324 18.28 -15.97 18.60
C ALA A 324 18.82 -14.75 19.35
N LEU A 325 18.59 -13.55 18.80
CA LEU A 325 19.17 -12.35 19.37
C LEU A 325 18.23 -11.76 20.43
N PRO A 326 18.77 -11.24 21.53
CA PRO A 326 17.91 -10.59 22.53
C PRO A 326 17.14 -9.40 21.92
N ALA A 327 15.91 -9.20 22.38
CA ALA A 327 15.04 -8.14 21.87
C ALA A 327 15.25 -6.78 22.54
N CYS A 328 14.99 -5.73 21.76
CA CYS A 328 14.86 -4.34 22.27
C CYS A 328 16.10 -3.62 22.78
N ARG A 329 17.28 -4.08 22.34
CA ARG A 329 18.51 -3.38 22.66
C ARG A 329 18.81 -2.24 21.70
N PHE A 330 18.20 -2.31 20.51
CA PHE A 330 18.35 -1.31 19.48
C PHE A 330 16.94 -0.90 19.09
N ILE A 331 16.63 0.38 19.26
CA ILE A 331 15.33 0.88 18.94
C ILE A 331 15.48 2.18 18.20
N ILE A 332 14.96 2.21 16.99
CA ILE A 332 14.90 3.43 16.21
C ILE A 332 13.43 3.76 16.02
N ASN A 333 13.15 4.96 15.51
CA ASN A 333 11.80 5.27 15.02
C ASN A 333 11.76 5.12 13.52
N PRO A 334 11.15 4.04 13.03
CA PRO A 334 11.19 3.80 11.57
C PRO A 334 10.54 4.87 10.74
N ASN A 335 9.57 5.58 11.33
CA ASN A 335 8.87 6.65 10.62
C ASN A 335 9.62 7.95 10.47
N ASP A 336 10.82 8.01 11.03
CA ASP A 336 11.64 9.21 10.90
C ASP A 336 11.94 9.41 9.43
N ASP A 337 11.83 10.65 8.96
CA ASP A 337 12.00 11.01 7.55
C ASP A 337 13.35 10.54 7.00
N ARG A 338 14.33 10.42 7.90
CA ARG A 338 15.69 10.06 7.49
C ARG A 338 15.74 8.68 6.82
N PHE A 339 14.70 7.85 7.00
CA PHE A 339 14.67 6.48 6.46
C PHE A 339 13.92 6.34 5.18
N ILE A 340 13.37 7.45 4.66
CA ILE A 340 12.56 7.37 3.42
C ILE A 340 13.42 6.86 2.27
N ASN A 341 14.59 7.47 2.06
CA ASN A 341 15.48 6.99 1.01
C ASN A 341 16.95 7.37 1.21
N PRO A 342 17.53 7.02 2.37
CA PRO A 342 18.94 7.34 2.60
C PRO A 342 19.84 6.63 1.58
N ASP A 343 20.96 7.21 1.21
CA ASP A 343 21.94 6.53 0.37
C ASP A 343 22.50 5.32 1.10
N GLU A 344 22.75 5.46 2.39
CA GLU A 344 23.33 4.37 3.18
C GLU A 344 22.40 3.93 4.34
N MSE A 345 21.58 2.91 4.08
CA MSE A 345 20.58 2.47 5.05
C MSE A 345 21.18 1.96 6.36
O MSE A 345 20.77 2.38 7.42
CB MSE A 345 19.59 1.47 4.45
CG MSE A 345 18.54 1.01 5.44
SE MSE A 345 17.33 2.46 6.13
CE MSE A 345 16.26 2.71 4.45
N CYS A 346 22.17 1.06 6.27
CA CYS A 346 22.78 0.50 7.49
C CYS A 346 23.41 1.61 8.32
N SER A 347 24.14 2.47 7.64
CA SER A 347 24.80 3.62 8.25
C SER A 347 23.80 4.55 8.96
N GLU A 348 22.63 4.71 8.34
CA GLU A 348 21.59 5.61 8.88
C GLU A 348 20.97 5.01 10.14
N ILE A 349 20.63 3.72 10.06
CA ILE A 349 20.19 2.95 11.23
C ILE A 349 21.20 3.07 12.36
N GLN A 350 22.48 2.84 12.05
CA GLN A 350 23.49 2.88 13.08
C GLN A 350 23.65 4.26 13.70
N ALA A 351 23.59 5.30 12.85
CA ALA A 351 23.62 6.70 13.32
C ALA A 351 22.46 6.98 14.28
N ALA A 352 21.27 6.58 13.88
CA ALA A 352 20.08 6.82 14.70
C ALA A 352 20.23 6.19 16.10
N CYS A 353 20.83 5.00 16.15
CA CYS A 353 21.02 4.29 17.41
C CYS A 353 22.06 4.96 18.28
N ARG A 354 23.15 5.38 17.63
CA ARG A 354 24.27 6.05 18.28
C ARG A 354 23.83 7.41 18.86
N GLU A 355 23.00 8.14 18.11
CA GLU A 355 22.41 9.42 18.59
C GLU A 355 21.63 9.20 19.88
N MSE A 356 21.06 8.02 20.08
CA MSE A 356 20.33 7.75 21.34
C MSE A 356 21.14 7.08 22.47
O MSE A 356 20.58 6.56 23.45
CB MSE A 356 19.04 6.99 21.06
CG MSE A 356 17.95 7.82 20.32
SE MSE A 356 17.31 9.27 21.22
CE MSE A 356 16.35 8.45 22.51
N ALA A 357 22.48 7.10 22.35
CA ALA A 357 23.37 6.36 23.26
C ALA A 357 22.99 4.89 23.41
N GLN A 358 22.60 4.27 22.30
CA GLN A 358 22.26 2.87 22.32
C GLN A 358 23.43 2.06 21.76
N PRO A 359 23.49 0.75 22.11
CA PRO A 359 24.50 -0.06 21.41
C PRO A 359 24.25 -0.02 19.91
N ILE A 360 25.30 -0.27 19.14
CA ILE A 360 25.19 -0.15 17.70
CA ILE A 360 25.23 -0.16 17.68
C ILE A 360 24.89 -1.51 17.05
N PRO A 361 23.76 -1.59 16.31
CA PRO A 361 23.50 -2.86 15.65
C PRO A 361 24.40 -2.96 14.42
N GLU A 362 25.20 -4.03 14.34
CA GLU A 362 26.24 -4.16 13.33
C GLU A 362 26.18 -5.42 12.46
N SER A 363 26.00 -6.58 13.07
CA SER A 363 25.82 -7.82 12.32
C SER A 363 24.54 -7.74 11.43
N ASP A 364 24.43 -8.62 10.44
CA ASP A 364 23.21 -8.65 9.64
C ASP A 364 22.01 -8.89 10.55
N ALA A 365 22.15 -9.84 11.48
CA ALA A 365 21.05 -10.22 12.35
C ALA A 365 20.70 -9.09 13.33
N GLU A 366 21.72 -8.35 13.79
CA GLU A 366 21.49 -7.19 14.64
C GLU A 366 20.71 -6.09 13.92
N LEU A 367 21.05 -5.83 12.66
CA LEU A 367 20.31 -4.82 11.88
C LEU A 367 18.87 -5.23 11.67
N ALA A 368 18.65 -6.52 11.38
CA ALA A 368 17.29 -7.05 11.25
C ALA A 368 16.54 -7.02 12.56
N ARG A 369 17.22 -7.37 13.66
CA ARG A 369 16.65 -7.29 15.02
C ARG A 369 16.16 -5.86 15.40
N CYS A 370 17.03 -4.89 15.17
CA CYS A 370 16.70 -3.47 15.30
C CYS A 370 15.42 -3.16 14.50
N ILE A 371 15.43 -3.47 13.22
CA ILE A 371 14.25 -3.23 12.35
C ILE A 371 12.96 -3.89 12.91
N PHE A 372 13.01 -5.19 13.18
CA PHE A 372 11.81 -5.94 13.66
C PHE A 372 11.31 -5.43 14.98
N ASP A 373 12.21 -5.21 15.94
CA ASP A 373 11.79 -4.68 17.24
C ASP A 373 11.21 -3.27 17.14
N SER A 374 11.89 -2.41 16.37
CA SER A 374 11.45 -1.02 16.19
C SER A 374 10.11 -0.93 15.46
N LEU A 375 9.86 -1.83 14.53
CA LEU A 375 8.53 -1.90 13.90
C LEU A 375 7.50 -2.35 14.92
N ALA A 376 7.82 -3.37 15.70
CA ALA A 376 6.80 -3.92 16.60
C ALA A 376 6.40 -2.91 17.64
N LEU A 377 7.36 -2.11 18.12
CA LEU A 377 7.06 -1.09 19.11
C LEU A 377 6.20 0.03 18.50
N LEU A 378 6.54 0.41 17.28
CA LEU A 378 5.69 1.32 16.49
C LEU A 378 4.27 0.73 16.20
N TYR A 379 4.20 -0.54 15.84
CA TYR A 379 2.89 -1.24 15.71
C TYR A 379 2.03 -1.04 16.95
N ALA A 380 2.63 -1.27 18.12
CA ALA A 380 1.91 -1.15 19.41
C ALA A 380 1.46 0.28 19.70
N ASP A 381 2.35 1.25 19.47
CA ASP A 381 1.99 2.68 19.57
C ASP A 381 0.80 3.05 18.68
N VAL A 382 0.87 2.66 17.41
CA VAL A 382 -0.17 3.04 16.46
C VAL A 382 -1.48 2.36 16.77
N LEU A 383 -1.43 1.09 17.16
CA LEU A 383 -2.67 0.35 17.45
C LEU A 383 -3.41 0.97 18.65
N HIS A 384 -2.63 1.44 19.60
CA HIS A 384 -3.14 2.17 20.76
C HIS A 384 -3.78 3.51 20.35
N GLU A 385 -3.08 4.26 19.50
CA GLU A 385 -3.58 5.52 18.96
C GLU A 385 -4.91 5.30 18.25
N LEU A 386 -5.02 4.21 17.50
CA LEU A 386 -6.23 3.99 16.66
C LEU A 386 -7.41 3.62 17.56
N ALA A 387 -7.19 2.70 18.49
CA ALA A 387 -8.19 2.37 19.50
C ALA A 387 -8.65 3.61 20.30
N GLN A 388 -7.69 4.43 20.68
CA GLN A 388 -7.96 5.64 21.46
C GLN A 388 -8.85 6.60 20.64
N LEU A 389 -8.49 6.74 19.37
CA LEU A 389 -9.18 7.59 18.43
C LEU A 389 -10.64 7.19 18.25
N ARG A 390 -10.91 5.93 17.94
CA ARG A 390 -12.26 5.46 17.67
C ARG A 390 -13.05 5.20 18.97
N GLY A 391 -12.33 5.09 20.08
CA GLY A 391 -12.97 4.79 21.39
C GLY A 391 -13.47 3.35 21.46
N GLU A 392 -12.70 2.44 20.88
CA GLU A 392 -13.04 1.04 20.85
C GLU A 392 -11.78 0.22 20.63
N ASP A 393 -11.55 -0.69 21.56
CA ASP A 393 -10.50 -1.68 21.54
C ASP A 393 -10.54 -2.60 20.31
N PHE A 394 -9.45 -3.37 20.09
CA PHE A 394 -9.41 -4.45 19.11
C PHE A 394 -9.16 -5.78 19.80
N SER A 395 -9.82 -6.82 19.32
CA SER A 395 -9.61 -8.16 19.83
C SER A 395 -8.66 -9.01 18.94
N GLN A 396 -8.53 -8.66 17.66
CA GLN A 396 -7.61 -9.36 16.76
C GLN A 396 -6.96 -8.39 15.79
N LEU A 397 -5.67 -8.64 15.49
CA LEU A 397 -4.95 -7.96 14.42
C LEU A 397 -4.74 -8.91 13.24
N HIS A 398 -5.26 -8.54 12.08
CA HIS A 398 -5.03 -9.33 10.88
C HIS A 398 -3.81 -8.83 10.12
N ILE A 399 -2.76 -9.63 10.10
CA ILE A 399 -1.59 -9.26 9.30
C ILE A 399 -1.61 -9.98 7.96
N VAL A 400 -1.57 -9.19 6.91
CA VAL A 400 -1.60 -9.69 5.52
C VAL A 400 -0.45 -9.15 4.70
N GLY A 401 -0.19 -9.69 3.50
CA GLY A 401 0.97 -9.20 2.73
C GLY A 401 2.17 -10.12 2.87
N GLY A 402 3.20 -9.87 2.07
CA GLY A 402 4.38 -10.77 2.04
C GLY A 402 5.00 -10.78 3.43
N GLY A 403 4.84 -9.66 4.13
CA GLY A 403 5.39 -9.48 5.51
C GLY A 403 4.74 -10.44 6.50
N CYS A 404 3.49 -10.90 6.21
CA CYS A 404 2.88 -11.87 7.12
C CYS A 404 3.55 -13.27 7.11
N GLN A 405 4.50 -13.51 6.20
CA GLN A 405 5.31 -14.74 6.17
C GLN A 405 6.46 -14.67 7.22
N ASN A 406 6.70 -13.49 7.79
CA ASN A 406 7.73 -13.28 8.80
C ASN A 406 7.16 -13.67 10.16
N THR A 407 7.38 -14.94 10.55
CA THR A 407 6.76 -15.48 11.77
C THR A 407 7.33 -14.82 13.05
N LEU A 408 8.58 -14.38 12.96
CA LEU A 408 9.21 -13.65 14.05
C LEU A 408 8.47 -12.33 14.30
N LEU A 409 8.27 -11.55 13.23
CA LEU A 409 7.64 -10.24 13.34
C LEU A 409 6.17 -10.38 13.72
N ASN A 410 5.50 -11.40 13.17
CA ASN A 410 4.12 -11.72 13.60
C ASN A 410 4.00 -11.86 15.13
N GLN A 411 4.89 -12.66 15.73
CA GLN A 411 4.86 -12.87 17.18
C GLN A 411 5.29 -11.63 17.96
N LEU A 412 6.26 -10.88 17.46
CA LEU A 412 6.67 -9.65 18.17
C LEU A 412 5.54 -8.64 18.19
N CYS A 413 4.80 -8.60 17.08
CA CYS A 413 3.65 -7.73 16.97
C CYS A 413 2.56 -8.16 17.96
N ALA A 414 2.23 -9.45 18.02
CA ALA A 414 1.18 -9.92 18.93
C ALA A 414 1.64 -9.62 20.36
N ASP A 415 2.91 -9.86 20.62
CA ASP A 415 3.51 -9.64 21.96
C ASP A 415 3.56 -8.16 22.38
N ALA A 416 4.03 -7.28 21.49
CA ALA A 416 4.09 -5.83 21.79
C ALA A 416 2.68 -5.21 21.96
N CYS A 417 1.79 -5.53 21.03
CA CYS A 417 0.41 -5.04 21.05
C CYS A 417 -0.45 -5.74 22.09
N GLY A 418 -0.08 -6.97 22.47
CA GLY A 418 -0.87 -7.73 23.46
C GLY A 418 -2.21 -8.12 22.89
N ILE A 419 -2.21 -8.50 21.63
CA ILE A 419 -3.41 -8.78 20.87
C ILE A 419 -3.17 -10.08 20.11
N ARG A 420 -4.20 -10.90 19.94
CA ARG A 420 -4.10 -12.02 19.02
C ARG A 420 -3.84 -11.54 17.60
N VAL A 421 -2.89 -12.17 16.93
CA VAL A 421 -2.57 -11.88 15.53
C VAL A 421 -3.03 -13.06 14.66
N ILE A 422 -3.72 -12.75 13.57
CA ILE A 422 -4.07 -13.76 12.60
C ILE A 422 -3.32 -13.36 11.33
N ALA A 423 -2.38 -14.19 10.90
CA ALA A 423 -1.61 -13.91 9.68
C ALA A 423 -2.17 -14.61 8.44
N GLY A 424 -2.31 -13.85 7.35
CA GLY A 424 -2.82 -14.41 6.12
C GLY A 424 -4.08 -13.69 5.63
N PRO A 425 -4.32 -13.72 4.31
CA PRO A 425 -3.55 -14.36 3.25
C PRO A 425 -2.31 -13.57 2.89
N VAL A 426 -1.37 -14.25 2.26
CA VAL A 426 -0.16 -13.59 1.84
C VAL A 426 -0.46 -12.57 0.75
N GLU A 427 -1.10 -13.02 -0.32
CA GLU A 427 -1.33 -12.13 -1.43
C GLU A 427 -2.68 -11.47 -1.31
N ALA A 428 -2.82 -10.66 -0.29
CA ALA A 428 -4.09 -10.06 0.02
C ALA A 428 -4.49 -9.01 -1.03
N SER A 429 -3.54 -8.20 -1.49
CA SER A 429 -3.87 -7.23 -2.56
C SER A 429 -4.40 -7.93 -3.83
N THR A 430 -3.74 -8.99 -4.26
CA THR A 430 -4.22 -9.78 -5.39
C THR A 430 -5.66 -10.26 -5.15
N LEU A 431 -5.91 -10.86 -3.98
CA LEU A 431 -7.23 -11.37 -3.67
C LEU A 431 -8.32 -10.32 -3.63
N GLY A 432 -7.99 -9.13 -3.10
CA GLY A 432 -9.04 -8.07 -3.02
C GLY A 432 -9.35 -7.56 -4.42
N ASN A 433 -8.32 -7.55 -5.27
CA ASN A 433 -8.45 -7.18 -6.69
C ASN A 433 -9.43 -8.15 -7.38
N ILE A 434 -9.17 -9.44 -7.21
CA ILE A 434 -10.10 -10.50 -7.66
C ILE A 434 -11.50 -10.31 -7.08
N GLY A 435 -11.60 -10.04 -5.79
CA GLY A 435 -12.92 -9.87 -5.14
C GLY A 435 -13.83 -8.86 -5.84
N ILE A 436 -13.28 -7.67 -6.10
CA ILE A 436 -14.01 -6.64 -6.85
C ILE A 436 -14.43 -7.09 -8.26
N GLN A 437 -13.52 -7.72 -9.00
CA GLN A 437 -13.94 -8.25 -10.30
C GLN A 437 -15.16 -9.19 -10.21
N LEU A 438 -15.16 -10.10 -9.25
CA LEU A 438 -16.26 -11.06 -9.05
C LEU A 438 -17.57 -10.35 -8.76
N MSE A 439 -17.49 -9.27 -7.98
CA MSE A 439 -18.65 -8.46 -7.74
C MSE A 439 -19.18 -7.82 -9.02
O MSE A 439 -20.40 -7.75 -9.26
CB MSE A 439 -18.33 -7.43 -6.63
CG MSE A 439 -18.12 -8.06 -5.29
SE MSE A 439 -17.62 -6.72 -3.95
CE MSE A 439 -16.27 -7.64 -3.06
N THR A 440 -18.28 -7.38 -9.90
CA THR A 440 -18.73 -6.81 -11.18
C THR A 440 -19.32 -7.88 -12.12
N LEU A 441 -18.89 -9.11 -11.91
CA LEU A 441 -19.36 -10.23 -12.68
C LEU A 441 -20.64 -10.82 -12.13
N ASP A 442 -21.11 -10.29 -11.01
CA ASP A 442 -22.34 -10.75 -10.33
C ASP A 442 -22.12 -12.12 -9.74
N GLU A 443 -20.88 -12.42 -9.37
CA GLU A 443 -20.51 -13.71 -8.81
C GLU A 443 -20.35 -13.63 -7.29
N LEU A 444 -20.46 -12.42 -6.77
CA LEU A 444 -20.11 -12.13 -5.39
C LEU A 444 -20.90 -10.89 -5.00
N ASN A 445 -21.49 -10.85 -3.80
CA ASN A 445 -22.42 -9.76 -3.42
C ASN A 445 -21.80 -8.51 -2.76
N ASN A 446 -20.78 -8.69 -1.91
CA ASN A 446 -20.13 -7.59 -1.21
C ASN A 446 -18.80 -8.02 -0.58
N VAL A 447 -18.15 -7.09 0.12
CA VAL A 447 -16.85 -7.35 0.72
C VAL A 447 -16.98 -8.35 1.85
N ASP A 448 -17.99 -8.18 2.71
CA ASP A 448 -18.17 -9.07 3.86
C ASP A 448 -18.33 -10.56 3.41
N ASP A 449 -19.09 -10.77 2.35
CA ASP A 449 -19.22 -12.11 1.73
C ASP A 449 -17.86 -12.62 1.20
N PHE A 450 -17.12 -11.75 0.53
CA PHE A 450 -15.78 -12.13 0.05
C PHE A 450 -14.84 -12.53 1.21
N ARG A 451 -14.87 -11.76 2.31
CA ARG A 451 -14.06 -12.14 3.48
C ARG A 451 -14.41 -13.51 4.06
N GLN A 452 -15.67 -13.90 3.98
CA GLN A 452 -16.04 -15.26 4.39
C GLN A 452 -15.40 -16.30 3.50
N VAL A 453 -15.33 -16.04 2.18
CA VAL A 453 -14.62 -16.91 1.24
C VAL A 453 -13.15 -17.01 1.59
N VAL A 454 -12.51 -15.87 1.83
CA VAL A 454 -11.08 -15.86 2.17
C VAL A 454 -10.86 -16.61 3.49
N SER A 455 -11.74 -16.36 4.47
CA SER A 455 -11.52 -16.94 5.80
C SER A 455 -11.68 -18.46 5.82
N THR A 456 -12.50 -19.00 4.92
CA THR A 456 -12.66 -20.46 4.82
C THR A 456 -11.79 -21.09 3.73
N THR A 457 -10.91 -20.30 3.13
CA THR A 457 -10.15 -20.76 1.95
C THR A 457 -8.64 -20.64 2.22
N ALA A 458 -8.20 -19.46 2.67
CA ALA A 458 -6.79 -19.15 2.86
C ALA A 458 -6.17 -19.85 4.08
N ASN A 459 -4.85 -19.92 4.11
CA ASN A 459 -4.14 -20.36 5.31
C ASN A 459 -4.02 -19.24 6.35
N LEU A 460 -4.66 -19.42 7.50
CA LEU A 460 -4.61 -18.41 8.53
C LEU A 460 -3.94 -18.97 9.75
N THR A 461 -2.90 -18.29 10.19
CA THR A 461 -2.11 -18.72 11.33
C THR A 461 -2.27 -17.77 12.52
N THR A 462 -2.68 -18.33 13.65
CA THR A 462 -2.83 -17.60 14.93
C THR A 462 -1.53 -17.45 15.73
N PHE A 463 -1.17 -16.21 16.03
CA PHE A 463 -0.13 -15.91 17.00
C PHE A 463 -0.78 -15.38 18.28
N THR A 464 -0.61 -16.08 19.39
CA THR A 464 -1.22 -15.67 20.65
C THR A 464 -0.24 -14.77 21.40
N PRO A 465 -0.70 -13.60 21.91
CA PRO A 465 0.26 -12.75 22.65
C PRO A 465 0.91 -13.47 23.83
N ASN A 466 2.21 -13.25 24.00
CA ASN A 466 2.95 -13.85 25.08
C ASN A 466 3.36 -12.78 26.09
N PRO A 467 2.65 -12.71 27.24
CA PRO A 467 2.85 -11.59 28.16
C PRO A 467 4.24 -11.62 28.84
N ASP A 468 4.89 -12.78 28.80
CA ASP A 468 6.17 -12.96 29.48
C ASP A 468 7.34 -12.86 28.50
N SER A 469 7.05 -12.38 27.29
CA SER A 469 8.05 -12.18 26.26
CA SER A 469 8.09 -12.21 26.28
C SER A 469 8.96 -11.00 26.58
N GLU A 470 10.17 -11.01 26.02
CA GLU A 470 11.07 -9.85 26.13
C GLU A 470 10.41 -8.51 25.78
N ILE A 471 9.78 -8.43 24.61
CA ILE A 471 9.15 -7.18 24.16
C ILE A 471 7.92 -6.82 24.99
N ALA A 472 7.16 -7.83 25.42
CA ALA A 472 6.08 -7.60 26.36
C ALA A 472 6.67 -6.96 27.62
N HIS A 473 7.75 -7.53 28.13
CA HIS A 473 8.41 -7.00 29.34
C HIS A 473 8.81 -5.55 29.12
N TYR A 474 9.47 -5.31 27.97
CA TYR A 474 9.94 -3.98 27.58
C TYR A 474 8.80 -2.96 27.51
N VAL A 475 7.68 -3.35 26.89
CA VAL A 475 6.54 -2.48 26.71
C VAL A 475 5.82 -2.19 28.04
N ALA A 476 5.64 -3.23 28.87
CA ALA A 476 5.01 -3.06 30.18
C ALA A 476 5.76 -1.98 30.94
N LEU A 477 7.08 -2.07 30.88
CA LEU A 477 7.99 -1.16 31.55
C LEU A 477 7.86 0.29 31.04
N ILE A 478 7.77 0.50 29.73
CA ILE A 478 7.63 1.86 29.18
C ILE A 478 6.31 2.53 29.52
N HIS A 479 5.30 1.74 29.87
CA HIS A 479 4.00 2.29 30.28
C HIS A 479 4.12 3.14 31.55
N SER A 480 5.05 2.75 32.42
CA SER A 480 5.32 3.49 33.67
C SER A 480 6.83 3.75 33.84
C1 LFR B . 1.85 0.47 -0.15
C2 LFR B . 1.46 1.94 -0.49
C3 LFR B . 0.93 2.76 0.70
C4 LFR B . 1.20 4.17 0.22
C5 LFR B . 2.63 3.97 -0.40
C6 LFR B . 3.03 4.95 -1.47
O1 LFR B . 2.28 -0.15 -1.39
O2 LFR B . 0.45 1.97 -1.53
O3 LFR B . -0.47 2.50 0.99
O4 LFR B . 1.21 5.12 1.31
O5 LFR B . 2.62 2.59 -1.00
O6 LFR B . 2.01 5.08 -2.46
PB ADP C . 5.13 -5.08 -1.94
O1B ADP C . 5.34 -3.79 -1.23
O2B ADP C . 6.20 -5.42 -2.99
O3B ADP C . 3.76 -5.38 -2.51
PA ADP C . 4.85 -7.63 -0.49
O1A ADP C . 5.00 -8.43 -1.79
O2A ADP C . 3.49 -7.63 0.22
O3A ADP C . 5.40 -6.13 -0.72
O5' ADP C . 5.89 -8.04 0.68
C5' ADP C . 7.28 -8.00 0.36
C4' ADP C . 8.02 -8.30 1.65
O4' ADP C . 7.62 -9.54 2.14
C3' ADP C . 9.52 -8.51 1.44
O3' ADP C . 10.19 -7.28 1.59
C2' ADP C . 9.90 -9.36 2.66
O2' ADP C . 10.25 -8.52 3.77
C1' ADP C . 8.64 -10.13 2.99
N9 ADP C . 8.84 -11.56 2.64
C8 ADP C . 8.87 -12.08 1.40
N7 ADP C . 9.10 -13.43 1.41
C5 ADP C . 9.23 -13.77 2.69
C6 ADP C . 9.48 -15.03 3.43
N6 ADP C . 9.62 -16.19 2.75
N1 ADP C . 9.53 -14.97 4.76
C2 ADP C . 9.40 -13.82 5.45
N3 ADP C . 9.16 -12.63 4.85
C4 ADP C . 9.08 -12.56 3.51
P PO3 D . 4.23 -2.49 -1.30
O1 PO3 D . 4.93 -1.27 -0.89
O2 PO3 D . 3.10 -2.84 -0.37
O3 PO3 D . 3.77 -2.43 -2.72
#